data_5GJX
#
_entry.id   5GJX
#
_cell.length_a   46.487
_cell.length_b   63.538
_cell.length_c   79.954
_cell.angle_alpha   90.00
_cell.angle_beta   106.10
_cell.angle_gamma   90.00
#
_symmetry.space_group_name_H-M   'P 1 21 1'
#
loop_
_entity.id
_entity.type
_entity.pdbx_description
1 polymer 'MHC class I antigen'
2 polymer Beta-2-microglobulin
3 polymer ARG-LEU-ILE-GLN-ASN-SER-ILE-THR-ILE
4 water water
#
loop_
_entity_poly.entity_id
_entity_poly.type
_entity_poly.pdbx_seq_one_letter_code
_entity_poly.pdbx_strand_id
1 'polypeptide(L)'
;MEFEPHSLRYFYTAVSDPSPGVPQFVTVGSVDGEVFVRYDSETRKMEPRVDWIVANVDQQYWDRETETSRGNEQIFRVNL
DTARERYNQSRGSHTWQCMHGCDLEDGSIRGFQQCGYDGKDFIALDKDTLTYTAADAAAQITKRKWEQEGTVAEQWKNYL
ENTCIEWLRKYVSYGKDVLERRERPKVRVSGMESNKILTLSCRAHGFYPPPISISWLKDGVVQEQETKRGSTVPNSDGTY
HAWATIDVLPGNRDKYQCRVEHASLPQPGLFSW
;
A
2 'polypeptide(L)'
;MEFGQAKAAPKVQVYSRHPATAGTENILNCYVEGFHPPKIDIALLKNGEPMKDVKYNDMSFGDDWTFQRLVYAPFTPTKS
DVYTCRVDHEAFTEPQSFRWEPDF
;
B
3 'polypeptide(L)' RLIQNSITI C
#
# COMPACT_ATOMS: atom_id res chain seq x y z
N GLU A 4 -12.02 6.63 -12.41
CA GLU A 4 -13.52 6.64 -12.31
C GLU A 4 -14.10 5.59 -11.34
N PRO A 5 -13.49 4.38 -11.24
CA PRO A 5 -13.92 3.46 -10.17
C PRO A 5 -13.45 3.93 -8.78
N HIS A 6 -14.11 3.45 -7.73
CA HIS A 6 -13.80 3.92 -6.37
C HIS A 6 -13.83 2.80 -5.34
N SER A 7 -13.01 2.91 -4.30
CA SER A 7 -13.00 1.92 -3.24
C SER A 7 -12.70 2.50 -1.87
N LEU A 8 -13.32 1.89 -0.86
CA LEU A 8 -13.05 2.19 0.55
C LEU A 8 -12.44 0.94 1.16
N ARG A 9 -11.29 1.09 1.82
CA ARG A 9 -10.60 -0.04 2.46
C ARG A 9 -10.22 0.27 3.89
N TYR A 10 -10.36 -0.72 4.77
CA TYR A 10 -9.84 -0.67 6.14
C TYR A 10 -8.88 -1.84 6.40
N PHE A 11 -7.68 -1.50 6.85
CA PHE A 11 -6.61 -2.45 7.10
C PHE A 11 -6.35 -2.47 8.61
N TYR A 12 -6.45 -3.66 9.19
CA TYR A 12 -6.29 -3.84 10.63
C TYR A 12 -5.08 -4.75 10.86
N THR A 13 -4.17 -4.33 11.72
CA THR A 13 -2.96 -5.15 11.99
C THR A 13 -2.70 -5.15 13.49
N ALA A 14 -2.66 -6.33 14.08
CA ALA A 14 -2.26 -6.51 15.47
C ALA A 14 -1.06 -7.45 15.53
N VAL A 15 -0.11 -7.16 16.40
CA VAL A 15 1.04 -8.04 16.61
C VAL A 15 1.19 -8.39 18.09
N SER A 16 1.76 -9.56 18.37
CA SER A 16 1.99 -9.94 19.77
C SER A 16 3.28 -9.27 20.27
N ASP A 17 4.20 -8.97 19.36
CA ASP A 17 5.48 -8.33 19.70
C ASP A 17 5.69 -7.07 18.85
N PRO A 18 5.24 -5.90 19.36
CA PRO A 18 5.43 -4.65 18.65
C PRO A 18 6.90 -4.31 18.44
N SER A 19 7.19 -3.48 17.44
CA SER A 19 8.56 -3.05 17.13
C SER A 19 8.50 -1.65 16.54
N PRO A 20 9.67 -0.99 16.32
CA PRO A 20 9.69 0.36 15.77
C PRO A 20 8.83 0.51 14.50
N GLY A 21 7.85 1.41 14.53
CA GLY A 21 6.94 1.61 13.41
C GLY A 21 5.78 0.61 13.36
N VAL A 22 5.73 -0.30 14.33
CA VAL A 22 4.71 -1.36 14.36
C VAL A 22 4.05 -1.42 15.74
N PRO A 23 3.01 -0.59 15.96
CA PRO A 23 2.33 -0.60 17.25
C PRO A 23 1.61 -1.93 17.45
N GLN A 24 1.18 -2.20 18.68
CA GLN A 24 0.45 -3.42 18.97
C GLN A 24 -0.81 -3.56 18.10
N PHE A 25 -1.48 -2.45 17.84
CA PHE A 25 -2.68 -2.48 17.01
C PHE A 25 -2.76 -1.20 16.20
N VAL A 26 -2.98 -1.35 14.89
CA VAL A 26 -3.19 -0.23 13.96
C VAL A 26 -4.44 -0.49 13.12
N THR A 27 -5.24 0.55 12.90
CA THR A 27 -6.23 0.55 11.83
C THR A 27 -5.96 1.73 10.89
N VAL A 28 -5.92 1.43 9.61
CA VAL A 28 -5.72 2.42 8.55
C VAL A 28 -6.95 2.37 7.64
N GLY A 29 -7.50 3.55 7.32
CA GLY A 29 -8.56 3.64 6.32
C GLY A 29 -8.05 4.30 5.04
N SER A 30 -8.48 3.80 3.88
CA SER A 30 -8.07 4.41 2.63
C SER A 30 -9.20 4.53 1.63
N VAL A 31 -9.16 5.60 0.83
CA VAL A 31 -10.15 5.82 -0.21
C VAL A 31 -9.37 5.92 -1.51
N ASP A 32 -9.76 5.11 -2.50
CA ASP A 32 -9.02 4.99 -3.77
C ASP A 32 -7.52 4.83 -3.57
N GLY A 33 -7.14 4.01 -2.60
CA GLY A 33 -5.73 3.76 -2.32
C GLY A 33 -4.97 4.87 -1.59
N GLU A 34 -5.67 5.93 -1.22
CA GLU A 34 -5.08 7.01 -0.42
C GLU A 34 -5.57 6.93 1.03
N VAL A 35 -4.62 6.87 1.97
CA VAL A 35 -4.93 6.82 3.40
C VAL A 35 -5.60 8.14 3.83
N PHE A 36 -6.76 8.03 4.49
CA PHE A 36 -7.48 9.23 4.97
C PHE A 36 -7.68 9.28 6.49
N VAL A 37 -7.66 8.11 7.14
CA VAL A 37 -7.79 8.02 8.60
C VAL A 37 -6.86 6.94 9.17
N ARG A 38 -6.51 7.10 10.44
CA ARG A 38 -5.62 6.16 11.10
C ARG A 38 -5.84 6.16 12.61
N TYR A 39 -5.74 4.97 13.20
CA TYR A 39 -5.84 4.80 14.64
C TYR A 39 -4.74 3.84 15.06
N ASP A 40 -4.14 4.07 16.23
CA ASP A 40 -3.32 3.03 16.84
C ASP A 40 -3.49 2.94 18.36
N SER A 41 -2.97 1.85 18.93
CA SER A 41 -3.08 1.53 20.34
C SER A 41 -2.26 2.49 21.23
N GLU A 42 -1.43 3.32 20.61
CA GLU A 42 -0.60 4.27 21.37
C GLU A 42 -1.29 5.63 21.49
N THR A 43 -1.73 6.18 20.35
CA THR A 43 -2.47 7.45 20.35
C THR A 43 -3.86 7.23 20.93
N ARG A 44 -4.44 6.09 20.60
CA ARG A 44 -5.78 5.70 21.06
C ARG A 44 -6.90 6.60 20.54
N LYS A 45 -6.68 7.25 19.40
CA LYS A 45 -7.75 7.98 18.72
C LYS A 45 -7.65 7.88 17.20
N MET A 46 -8.82 7.90 16.55
CA MET A 46 -8.88 7.92 15.10
C MET A 46 -8.48 9.32 14.67
N GLU A 47 -7.54 9.44 13.76
CA GLU A 47 -7.04 10.75 13.37
C GLU A 47 -7.03 10.89 11.85
N PRO A 48 -7.29 12.12 11.36
CA PRO A 48 -7.27 12.39 9.92
C PRO A 48 -5.87 12.29 9.37
N ARG A 49 -5.76 11.91 8.09
CA ARG A 49 -4.46 11.89 7.43
C ARG A 49 -4.50 12.68 6.15
N VAL A 50 -5.65 13.30 5.87
CA VAL A 50 -5.84 14.16 4.71
C VAL A 50 -6.81 15.28 5.08
N ASP A 51 -6.69 16.42 4.41
CA ASP A 51 -7.48 17.62 4.74
C ASP A 51 -8.97 17.47 4.53
N TRP A 52 -9.35 16.83 3.43
CA TRP A 52 -10.76 16.76 3.05
C TRP A 52 -11.68 16.04 4.05
N ILE A 53 -11.13 15.13 4.85
CA ILE A 53 -11.96 14.43 5.84
C ILE A 53 -12.33 15.32 7.05
N VAL A 54 -11.34 16.01 7.61
CA VAL A 54 -11.57 16.89 8.77
C VAL A 54 -12.51 18.04 8.42
N ALA A 55 -12.40 18.54 7.19
CA ALA A 55 -13.22 19.65 6.71
C ALA A 55 -14.66 19.24 6.43
N ASN A 56 -14.95 17.94 6.44
CA ASN A 56 -16.29 17.48 6.06
C ASN A 56 -17.03 16.61 7.08
N VAL A 57 -16.39 16.25 8.19
CA VAL A 57 -17.13 15.49 9.22
C VAL A 57 -17.17 16.23 10.53
N ASP A 58 -18.11 15.87 11.39
CA ASP A 58 -18.23 16.49 12.70
C ASP A 58 -17.38 15.77 13.74
N GLN A 59 -17.32 16.34 14.94
CA GLN A 59 -16.59 15.75 16.07
C GLN A 59 -17.13 14.37 16.45
N GLN A 60 -18.45 14.21 16.30
CA GLN A 60 -19.12 12.93 16.59
C GLN A 60 -18.58 11.78 15.72
N TYR A 61 -18.21 12.10 14.47
CA TYR A 61 -17.55 11.13 13.59
C TYR A 61 -16.27 10.61 14.25
N TRP A 62 -15.41 11.52 14.69
CA TRP A 62 -14.14 11.14 15.32
C TRP A 62 -14.36 10.36 16.60
N ASP A 63 -15.30 10.84 17.44
CA ASP A 63 -15.62 10.18 18.70
C ASP A 63 -16.08 8.74 18.48
N ARG A 64 -16.96 8.56 17.49
CA ARG A 64 -17.49 7.23 17.19
C ARG A 64 -16.43 6.28 16.60
N GLU A 65 -15.61 6.78 15.68
CA GLU A 65 -14.55 5.96 15.07
C GLU A 65 -13.53 5.57 16.12
N THR A 66 -13.24 6.49 17.04
CA THR A 66 -12.35 6.25 18.18
C THR A 66 -12.92 5.16 19.09
N GLU A 67 -14.19 5.31 19.47
CA GLU A 67 -14.89 4.30 20.28
C GLU A 67 -14.89 2.89 19.62
N THR A 68 -15.23 2.82 18.33
CA THR A 68 -15.18 1.56 17.61
C THR A 68 -13.78 0.94 17.65
N SER A 69 -12.76 1.75 17.36
CA SER A 69 -11.37 1.28 17.33
C SER A 69 -10.85 0.83 18.71
N ARG A 70 -11.24 1.56 19.76
CA ARG A 70 -10.86 1.17 21.12
C ARG A 70 -11.39 -0.22 21.46
N GLY A 71 -12.63 -0.50 21.04
CA GLY A 71 -13.21 -1.84 21.17
C GLY A 71 -12.55 -2.92 20.31
N ASN A 72 -12.15 -2.56 19.10
CA ASN A 72 -11.49 -3.49 18.18
C ASN A 72 -10.14 -3.96 18.73
N GLU A 73 -9.42 -3.03 19.36
CA GLU A 73 -8.12 -3.30 19.94
C GLU A 73 -8.18 -4.51 20.87
N GLN A 74 -9.15 -4.48 21.78
CA GLN A 74 -9.41 -5.59 22.69
C GLN A 74 -9.74 -6.91 21.96
N ILE A 75 -10.59 -6.84 20.95
CA ILE A 75 -11.00 -8.02 20.17
C ILE A 75 -9.78 -8.67 19.52
N PHE A 76 -8.92 -7.82 18.95
CA PHE A 76 -7.74 -8.30 18.25
C PHE A 76 -6.71 -8.92 19.21
N ARG A 77 -6.57 -8.35 20.40
CA ARG A 77 -5.75 -8.98 21.46
C ARG A 77 -6.21 -10.41 21.75
N VAL A 78 -7.53 -10.60 21.88
CA VAL A 78 -8.09 -11.94 22.12
C VAL A 78 -7.85 -12.87 20.93
N ASN A 79 -8.01 -12.33 19.70
CA ASN A 79 -7.79 -13.13 18.50
C ASN A 79 -6.38 -13.72 18.49
N LEU A 80 -5.40 -12.89 18.85
CA LEU A 80 -4.00 -13.35 18.93
C LEU A 80 -3.82 -14.48 19.94
N ASP A 81 -4.42 -14.33 21.11
CA ASP A 81 -4.37 -15.39 22.15
C ASP A 81 -5.05 -16.67 21.65
N THR A 82 -6.27 -16.54 21.13
CA THR A 82 -7.04 -17.69 20.64
C THR A 82 -6.31 -18.42 19.53
N ALA A 83 -5.76 -17.67 18.57
CA ALA A 83 -5.01 -18.25 17.46
C ALA A 83 -3.80 -19.03 17.92
N ARG A 84 -3.08 -18.48 18.88
CA ARG A 84 -1.91 -19.13 19.45
C ARG A 84 -2.32 -20.46 20.12
N GLU A 85 -3.42 -20.45 20.85
CA GLU A 85 -3.96 -21.67 21.46
C GLU A 85 -4.47 -22.69 20.43
N ARG A 86 -5.16 -22.22 19.39
CA ARG A 86 -5.68 -23.12 18.34
C ARG A 86 -4.57 -23.89 17.63
N TYR A 87 -3.47 -23.21 17.36
CA TYR A 87 -2.37 -23.82 16.64
C TYR A 87 -1.34 -24.41 17.60
N ASN A 88 -1.71 -24.49 18.88
CA ASN A 88 -0.84 -25.02 19.94
C ASN A 88 0.57 -24.41 19.90
N GLN A 89 0.62 -23.08 19.84
CA GLN A 89 1.90 -22.38 19.73
C GLN A 89 2.35 -21.85 21.06
N SER A 90 3.67 -21.77 21.22
CA SER A 90 4.27 -21.15 22.39
C SER A 90 4.24 -19.63 22.22
N ARG A 91 4.54 -18.90 23.29
CA ARG A 91 4.67 -17.44 23.23
C ARG A 91 5.69 -17.04 22.17
N GLY A 92 5.37 -16.03 21.36
CA GLY A 92 6.25 -15.59 20.28
C GLY A 92 5.70 -14.47 19.46
N SER A 93 6.41 -14.13 18.38
CA SER A 93 5.99 -13.06 17.48
C SER A 93 4.96 -13.58 16.50
N HIS A 94 3.75 -13.01 16.58
CA HIS A 94 2.67 -13.37 15.67
C HIS A 94 1.89 -12.16 15.17
N THR A 95 1.19 -12.33 14.05
CA THR A 95 0.47 -11.24 13.42
C THR A 95 -0.96 -11.69 13.20
N TRP A 96 -1.91 -10.81 13.51
CA TRP A 96 -3.28 -10.99 13.11
C TRP A 96 -3.65 -9.81 12.20
N GLN A 97 -4.21 -10.10 11.02
CA GLN A 97 -4.67 -9.06 10.09
C GLN A 97 -6.11 -9.29 9.64
N CYS A 98 -6.85 -8.19 9.48
CA CYS A 98 -8.12 -8.20 8.77
C CYS A 98 -8.17 -7.04 7.78
N MET A 99 -8.85 -7.28 6.66
CA MET A 99 -9.08 -6.26 5.67
C MET A 99 -10.54 -6.31 5.29
N HIS A 100 -11.18 -5.16 5.27
CA HIS A 100 -12.46 -5.09 4.61
C HIS A 100 -12.64 -3.88 3.73
N GLY A 101 -13.57 -3.98 2.81
CA GLY A 101 -13.83 -2.88 1.90
C GLY A 101 -14.93 -3.13 0.90
N CYS A 102 -15.22 -2.09 0.13
CA CYS A 102 -16.23 -2.13 -0.90
C CYS A 102 -15.70 -1.37 -2.12
N ASP A 103 -16.18 -1.76 -3.31
CA ASP A 103 -15.81 -1.12 -4.56
C ASP A 103 -17.07 -0.57 -5.18
N LEU A 104 -16.98 0.63 -5.74
CA LEU A 104 -18.03 1.16 -6.59
C LEU A 104 -17.52 1.27 -8.02
N GLU A 105 -18.12 0.50 -8.92
CA GLU A 105 -17.72 0.53 -10.32
C GLU A 105 -18.87 0.35 -11.31
N ASP A 106 -19.13 1.40 -12.09
CA ASP A 106 -20.04 1.36 -13.23
C ASP A 106 -21.40 0.74 -12.87
N GLY A 107 -22.05 1.30 -11.86
CA GLY A 107 -23.35 0.85 -11.44
C GLY A 107 -23.37 -0.32 -10.48
N SER A 108 -22.32 -1.14 -10.50
CA SER A 108 -22.26 -2.31 -9.64
C SER A 108 -21.36 -2.12 -8.42
N ILE A 109 -21.61 -2.92 -7.39
CA ILE A 109 -20.86 -2.83 -6.16
C ILE A 109 -20.21 -4.17 -5.78
N ARG A 110 -19.10 -4.10 -5.06
CA ARG A 110 -18.40 -5.27 -4.55
C ARG A 110 -18.05 -5.04 -3.09
N GLY A 111 -18.00 -6.13 -2.32
CA GLY A 111 -17.65 -6.04 -0.90
C GLY A 111 -16.93 -7.29 -0.44
N PHE A 112 -16.06 -7.13 0.55
CA PHE A 112 -15.32 -8.28 1.10
C PHE A 112 -14.91 -8.08 2.57
N GLN A 113 -14.66 -9.18 3.26
CA GLN A 113 -14.18 -9.19 4.62
C GLN A 113 -13.35 -10.46 4.76
N GLN A 114 -12.08 -10.29 5.12
CA GLN A 114 -11.14 -11.41 5.19
C GLN A 114 -10.12 -11.19 6.30
N CYS A 115 -9.80 -12.25 7.02
CA CYS A 115 -8.78 -12.20 8.07
C CYS A 115 -7.67 -13.21 7.84
N GLY A 116 -6.47 -12.85 8.30
CA GLY A 116 -5.29 -13.67 8.12
C GLY A 116 -4.45 -13.75 9.39
N TYR A 117 -3.83 -14.91 9.60
CA TYR A 117 -2.95 -15.14 10.76
C TYR A 117 -1.53 -15.46 10.30
N ASP A 118 -0.54 -14.79 10.89
CA ASP A 118 0.86 -14.94 10.44
C ASP A 118 1.01 -14.86 8.90
N GLY A 119 0.23 -13.97 8.30
CA GLY A 119 0.31 -13.73 6.85
C GLY A 119 -0.26 -14.81 5.96
N LYS A 120 -1.04 -15.74 6.53
CA LYS A 120 -1.77 -16.72 5.73
C LYS A 120 -3.26 -16.55 5.94
N ASP A 121 -4.04 -16.88 4.91
CA ASP A 121 -5.50 -16.84 5.00
C ASP A 121 -5.98 -17.62 6.21
N PHE A 122 -7.02 -17.10 6.84
CA PHE A 122 -7.63 -17.77 7.96
C PHE A 122 -9.11 -17.95 7.67
N ILE A 123 -9.83 -16.83 7.54
CA ILE A 123 -11.26 -16.86 7.26
C ILE A 123 -11.67 -15.67 6.38
N ALA A 124 -12.64 -15.92 5.49
CA ALA A 124 -13.19 -14.90 4.63
C ALA A 124 -14.70 -15.05 4.48
N LEU A 125 -15.39 -13.92 4.41
CA LEU A 125 -16.82 -13.91 4.17
C LEU A 125 -17.13 -14.29 2.71
N ASP A 126 -18.07 -15.22 2.54
CA ASP A 126 -18.74 -15.41 1.25
C ASP A 126 -20.08 -14.70 1.35
N LYS A 127 -20.12 -13.50 0.78
CA LYS A 127 -21.26 -12.60 0.88
C LYS A 127 -22.50 -13.13 0.16
N ASP A 128 -22.30 -13.86 -0.94
CA ASP A 128 -23.41 -14.40 -1.73
C ASP A 128 -24.21 -15.49 -1.02
N THR A 129 -23.53 -16.31 -0.22
CA THR A 129 -24.17 -17.41 0.50
C THR A 129 -24.31 -17.15 2.00
N LEU A 130 -23.76 -16.02 2.46
CA LEU A 130 -23.72 -15.68 3.90
C LEU A 130 -23.10 -16.80 4.73
N THR A 131 -22.00 -17.37 4.23
CA THR A 131 -21.22 -18.33 5.00
C THR A 131 -19.77 -17.83 5.09
N TYR A 132 -19.00 -18.44 5.98
CA TYR A 132 -17.57 -18.15 6.06
C TYR A 132 -16.74 -19.28 5.49
N THR A 133 -15.72 -18.90 4.72
CA THR A 133 -14.80 -19.85 4.13
C THR A 133 -13.59 -19.99 5.02
N ALA A 134 -13.40 -21.19 5.56
CA ALA A 134 -12.30 -21.47 6.48
C ALA A 134 -11.09 -22.01 5.72
N ALA A 135 -9.90 -21.55 6.09
CA ALA A 135 -8.68 -21.98 5.38
C ALA A 135 -8.18 -23.34 5.86
N ASP A 136 -8.40 -23.67 7.13
CA ASP A 136 -7.93 -24.93 7.71
C ASP A 136 -8.85 -25.34 8.86
N ALA A 137 -8.48 -26.40 9.57
CA ALA A 137 -9.28 -26.92 10.69
C ALA A 137 -9.42 -25.93 11.85
N ALA A 138 -8.37 -25.17 12.12
CA ALA A 138 -8.43 -24.16 13.19
C ALA A 138 -9.52 -23.14 12.87
N ALA A 139 -9.57 -22.71 11.61
CA ALA A 139 -10.51 -21.70 11.18
C ALA A 139 -11.94 -22.24 11.08
N GLN A 140 -12.08 -23.55 10.90
CA GLN A 140 -13.40 -24.18 10.90
C GLN A 140 -14.14 -23.96 12.23
N ILE A 141 -13.40 -23.87 13.34
CA ILE A 141 -14.02 -23.58 14.65
C ILE A 141 -14.64 -22.17 14.63
N THR A 142 -13.94 -21.21 14.04
CA THR A 142 -14.45 -19.85 13.88
C THR A 142 -15.66 -19.79 12.91
N LYS A 143 -15.56 -20.53 11.80
CA LYS A 143 -16.68 -20.69 10.86
C LYS A 143 -17.96 -21.13 11.59
N ARG A 144 -17.86 -22.18 12.39
CA ARG A 144 -19.02 -22.65 13.14
C ARG A 144 -19.53 -21.59 14.11
N LYS A 145 -18.61 -20.92 14.81
CA LYS A 145 -18.98 -19.91 15.80
C LYS A 145 -19.73 -18.72 15.17
N TRP A 146 -19.16 -18.19 14.10
CA TRP A 146 -19.74 -17.04 13.42
C TRP A 146 -21.07 -17.39 12.74
N GLU A 147 -21.14 -18.56 12.12
CA GLU A 147 -22.35 -18.99 11.45
C GLU A 147 -23.47 -19.29 12.44
N GLN A 148 -23.11 -19.94 13.55
CA GLN A 148 -24.06 -20.26 14.62
C GLN A 148 -24.56 -18.99 15.31
N GLU A 149 -23.72 -17.96 15.39
CA GLU A 149 -24.13 -16.69 15.98
C GLU A 149 -25.37 -16.18 15.27
N GLY A 150 -25.39 -16.31 13.94
CA GLY A 150 -26.61 -16.14 13.17
C GLY A 150 -26.88 -14.73 12.64
N THR A 151 -26.12 -13.75 13.10
CA THR A 151 -26.29 -12.37 12.59
C THR A 151 -25.00 -11.77 12.01
N VAL A 152 -23.87 -12.43 12.23
CA VAL A 152 -22.56 -11.88 11.85
C VAL A 152 -22.48 -11.64 10.34
N ALA A 153 -22.72 -12.69 9.57
CA ALA A 153 -22.69 -12.63 8.10
C ALA A 153 -23.70 -11.62 7.54
N GLU A 154 -24.89 -11.61 8.12
CA GLU A 154 -25.96 -10.69 7.77
C GLU A 154 -25.54 -9.24 8.02
N GLN A 155 -24.97 -8.98 9.19
CA GLN A 155 -24.51 -7.63 9.53
C GLN A 155 -23.41 -7.16 8.59
N TRP A 156 -22.55 -8.10 8.20
CA TRP A 156 -21.46 -7.79 7.28
C TRP A 156 -21.97 -7.50 5.87
N LYS A 157 -22.94 -8.28 5.41
CA LYS A 157 -23.58 -8.04 4.12
C LYS A 157 -24.25 -6.66 4.10
N ASN A 158 -25.03 -6.37 5.14
CA ASN A 158 -25.64 -5.06 5.29
C ASN A 158 -24.60 -3.93 5.23
N TYR A 159 -23.56 -4.06 6.06
CA TYR A 159 -22.48 -3.07 6.07
C TYR A 159 -21.84 -2.89 4.69
N LEU A 160 -21.43 -3.99 4.06
CA LEU A 160 -20.66 -3.91 2.83
C LEU A 160 -21.46 -3.41 1.64
N GLU A 161 -22.74 -3.75 1.63
CA GLU A 161 -23.61 -3.42 0.51
C GLU A 161 -24.35 -2.08 0.68
N ASN A 162 -24.42 -1.59 1.91
CA ASN A 162 -25.14 -0.35 2.19
C ASN A 162 -24.26 0.72 2.85
N THR A 163 -23.95 0.52 4.13
CA THR A 163 -23.17 1.47 4.94
C THR A 163 -21.85 1.86 4.28
N CYS A 164 -21.06 0.85 3.90
CA CYS A 164 -19.75 1.07 3.29
C CYS A 164 -19.88 1.93 2.03
N ILE A 165 -20.84 1.58 1.17
CA ILE A 165 -21.04 2.24 -0.10
C ILE A 165 -21.55 3.68 0.10
N GLU A 166 -22.45 3.84 1.07
CA GLU A 166 -22.98 5.16 1.40
C GLU A 166 -21.86 6.11 1.83
N TRP A 167 -20.99 5.63 2.73
CA TRP A 167 -19.84 6.41 3.17
C TRP A 167 -18.80 6.64 2.07
N LEU A 168 -18.55 5.62 1.25
CA LEU A 168 -17.66 5.79 0.10
C LEU A 168 -18.13 6.95 -0.79
N ARG A 169 -19.40 6.94 -1.15
CA ARG A 169 -20.01 8.02 -1.95
C ARG A 169 -19.75 9.39 -1.31
N LYS A 170 -19.96 9.50 0.00
CA LYS A 170 -19.65 10.72 0.76
C LYS A 170 -18.19 11.11 0.65
N TYR A 171 -17.30 10.14 0.91
CA TYR A 171 -15.84 10.40 0.89
C TYR A 171 -15.35 10.86 -0.47
N VAL A 172 -15.84 10.20 -1.53
CA VAL A 172 -15.49 10.57 -2.89
C VAL A 172 -15.95 12.02 -3.17
N SER A 173 -17.14 12.37 -2.69
CA SER A 173 -17.61 13.75 -2.79
C SER A 173 -16.76 14.73 -1.98
N TYR A 174 -16.39 14.37 -0.75
CA TYR A 174 -15.54 15.25 0.08
C TYR A 174 -14.16 15.49 -0.52
N GLY A 175 -13.59 14.46 -1.16
CA GLY A 175 -12.25 14.52 -1.70
C GLY A 175 -12.15 14.68 -3.21
N LYS A 176 -13.25 15.10 -3.85
CA LYS A 176 -13.33 15.16 -5.32
C LYS A 176 -12.21 15.95 -5.98
N ASP A 177 -11.85 17.09 -5.40
CA ASP A 177 -10.81 17.96 -5.96
C ASP A 177 -9.47 17.25 -5.98
N VAL A 178 -9.27 16.38 -5.00
CA VAL A 178 -8.08 15.55 -4.92
C VAL A 178 -8.24 14.29 -5.77
N LEU A 179 -9.31 13.54 -5.50
CA LEU A 179 -9.49 12.20 -6.07
C LEU A 179 -9.83 12.16 -7.56
N GLU A 180 -10.36 13.25 -8.10
CA GLU A 180 -10.76 13.26 -9.50
C GLU A 180 -9.90 14.16 -10.39
N ARG A 181 -8.80 14.64 -9.81
CA ARG A 181 -7.86 15.49 -10.53
C ARG A 181 -6.97 14.67 -11.47
N ARG A 182 -6.32 15.37 -12.39
CA ARG A 182 -5.32 14.77 -13.25
C ARG A 182 -4.03 15.58 -13.16
N GLU A 183 -2.91 14.88 -13.03
CA GLU A 183 -1.60 15.52 -13.04
C GLU A 183 -0.73 14.80 -14.06
N ARG A 184 -0.04 15.59 -14.88
CA ARG A 184 0.76 15.09 -15.99
C ARG A 184 2.08 14.54 -15.52
N PRO A 185 2.46 13.36 -16.00
CA PRO A 185 3.79 12.85 -15.69
C PRO A 185 4.88 13.72 -16.30
N LYS A 186 5.91 14.03 -15.52
CA LYS A 186 7.12 14.60 -16.08
C LYS A 186 8.00 13.41 -16.43
N VAL A 187 8.40 13.33 -17.68
CA VAL A 187 9.08 12.14 -18.19
C VAL A 187 10.53 12.44 -18.54
N ARG A 188 11.44 11.53 -18.15
CA ARG A 188 12.82 11.60 -18.57
C ARG A 188 13.33 10.25 -19.07
N VAL A 189 14.08 10.29 -20.17
CA VAL A 189 14.75 9.12 -20.70
C VAL A 189 16.25 9.16 -20.35
N SER A 190 16.79 8.03 -19.94
CA SER A 190 18.21 7.88 -19.60
C SER A 190 18.81 6.64 -20.24
N GLY A 191 20.14 6.51 -20.14
CA GLY A 191 20.84 5.35 -20.69
C GLY A 191 22.18 5.09 -20.03
N MET A 192 22.52 3.81 -19.91
CA MET A 192 23.83 3.38 -19.39
C MET A 192 24.42 2.33 -20.31
N GLU A 193 25.74 2.40 -20.50
CA GLU A 193 26.48 1.49 -21.38
C GLU A 193 25.96 1.48 -22.82
N LEU A 198 23.35 -1.37 -24.13
CA LEU A 198 22.75 -0.14 -23.63
C LEU A 198 21.40 -0.39 -22.96
N THR A 199 21.29 0.02 -21.71
CA THR A 199 20.02 0.01 -21.00
C THR A 199 19.39 1.39 -21.11
N LEU A 200 18.24 1.47 -21.78
CA LEU A 200 17.47 2.70 -21.82
C LEU A 200 16.42 2.70 -20.73
N SER A 201 16.24 3.84 -20.08
CA SER A 201 15.28 3.97 -18.99
C SER A 201 14.31 5.11 -19.23
N CYS A 202 13.02 4.80 -19.11
CA CYS A 202 11.97 5.80 -19.23
C CYS A 202 11.25 5.96 -17.91
N ARG A 203 11.48 7.10 -17.25
CA ARG A 203 10.92 7.39 -15.93
C ARG A 203 9.81 8.45 -16.00
N ALA A 204 8.66 8.13 -15.40
CA ALA A 204 7.54 9.06 -15.33
C ALA A 204 7.30 9.48 -13.90
N HIS A 205 7.34 10.80 -13.67
CA HIS A 205 7.26 11.39 -12.34
C HIS A 205 5.99 12.19 -12.14
N GLY A 206 5.36 12.00 -10.98
CA GLY A 206 4.33 12.91 -10.49
C GLY A 206 2.97 12.84 -11.15
N PHE A 207 2.58 11.68 -11.64
CA PHE A 207 1.28 11.55 -12.31
C PHE A 207 0.11 11.11 -11.41
N TYR A 208 -1.11 11.42 -11.85
CA TYR A 208 -2.34 10.99 -11.16
C TYR A 208 -3.48 11.01 -12.20
N PRO A 209 -4.34 9.97 -12.25
CA PRO A 209 -4.37 8.83 -11.31
C PRO A 209 -3.30 7.76 -11.59
N PRO A 210 -3.23 6.71 -10.73
CA PRO A 210 -2.18 5.69 -10.90
C PRO A 210 -2.15 4.88 -12.20
N PRO A 211 -3.31 4.64 -12.87
CA PRO A 211 -3.16 3.86 -14.10
C PRO A 211 -2.29 4.55 -15.14
N ILE A 212 -1.34 3.80 -15.71
CA ILE A 212 -0.39 4.32 -16.68
C ILE A 212 0.16 3.17 -17.51
N SER A 213 0.56 3.48 -18.74
CA SER A 213 1.16 2.52 -19.63
C SER A 213 2.41 3.13 -20.27
N ILE A 214 3.57 2.59 -19.91
CA ILE A 214 4.83 3.04 -20.46
C ILE A 214 5.40 1.93 -21.34
N SER A 215 5.60 2.22 -22.62
CA SER A 215 6.13 1.24 -23.58
C SER A 215 7.33 1.76 -24.35
N TRP A 216 8.21 0.84 -24.74
CA TRP A 216 9.35 1.17 -25.59
C TRP A 216 9.08 0.73 -27.03
N LEU A 217 9.35 1.63 -27.97
CA LEU A 217 9.14 1.39 -29.39
C LEU A 217 10.44 1.42 -30.17
N LYS A 218 10.64 0.43 -31.04
CA LYS A 218 11.75 0.43 -31.96
C LYS A 218 11.19 0.73 -33.34
N ASP A 219 11.53 1.91 -33.87
CA ASP A 219 10.99 2.40 -35.15
C ASP A 219 9.46 2.32 -35.18
N GLY A 220 8.83 2.63 -34.04
CA GLY A 220 7.37 2.65 -33.94
C GLY A 220 6.77 1.31 -33.54
N VAL A 221 7.60 0.30 -33.37
CA VAL A 221 7.14 -1.05 -33.05
C VAL A 221 7.26 -1.35 -31.55
N VAL A 222 6.14 -1.71 -30.92
CA VAL A 222 6.13 -2.03 -29.48
C VAL A 222 6.99 -3.26 -29.19
N GLN A 223 7.86 -3.14 -28.20
CA GLN A 223 8.74 -4.23 -27.79
C GLN A 223 8.30 -4.84 -26.47
N GLU A 224 7.14 -5.51 -26.48
CA GLU A 224 6.55 -6.06 -25.25
C GLU A 224 7.45 -7.05 -24.50
N GLN A 225 7.93 -8.06 -25.22
CA GLN A 225 8.75 -9.11 -24.61
C GLN A 225 10.09 -8.58 -24.07
N GLU A 226 10.48 -7.40 -24.51
CA GLU A 226 11.79 -6.82 -24.17
C GLU A 226 11.70 -5.79 -23.05
N THR A 227 10.48 -5.34 -22.77
CA THR A 227 10.25 -4.26 -21.82
C THR A 227 10.13 -4.80 -20.38
N LYS A 228 11.01 -4.31 -19.52
CA LYS A 228 10.98 -4.58 -18.09
C LYS A 228 10.32 -3.38 -17.38
N ARG A 229 9.43 -3.66 -16.44
CA ARG A 229 8.69 -2.61 -15.73
C ARG A 229 8.74 -2.76 -14.21
N GLY A 230 8.77 -1.63 -13.52
CA GLY A 230 8.62 -1.63 -12.07
C GLY A 230 7.15 -1.65 -11.74
N SER A 231 6.85 -1.79 -10.45
CA SER A 231 5.50 -1.58 -9.97
C SER A 231 5.30 -0.08 -9.81
N THR A 232 4.10 0.40 -10.12
CA THR A 232 3.75 1.81 -9.89
C THR A 232 3.73 2.10 -8.39
N VAL A 233 4.43 3.16 -8.00
CA VAL A 233 4.67 3.45 -6.58
C VAL A 233 4.32 4.89 -6.24
N PRO A 234 3.86 5.16 -5.00
CA PRO A 234 3.41 6.51 -4.67
C PRO A 234 4.56 7.46 -4.31
N ASN A 235 4.36 8.73 -4.64
CA ASN A 235 5.14 9.81 -4.08
C ASN A 235 4.47 10.26 -2.79
N SER A 236 5.17 11.08 -2.01
CA SER A 236 4.66 11.59 -0.74
C SER A 236 3.43 12.49 -0.86
N ASP A 237 3.22 13.10 -2.02
CA ASP A 237 2.12 14.05 -2.19
C ASP A 237 0.90 13.42 -2.84
N GLY A 238 0.89 12.10 -2.93
CA GLY A 238 -0.23 11.38 -3.50
C GLY A 238 -0.22 11.29 -5.02
N THR A 239 0.87 11.73 -5.64
CA THR A 239 1.10 11.46 -7.07
C THR A 239 1.87 10.14 -7.16
N TYR A 240 2.16 9.68 -8.38
CA TYR A 240 2.78 8.38 -8.57
C TYR A 240 4.03 8.40 -9.44
N HIS A 241 4.72 7.26 -9.44
CA HIS A 241 5.98 7.11 -10.14
C HIS A 241 5.99 5.73 -10.81
N ALA A 242 6.43 5.69 -12.05
CA ALA A 242 6.59 4.42 -12.77
C ALA A 242 7.74 4.53 -13.76
N TRP A 243 8.35 3.38 -14.07
CA TRP A 243 9.45 3.34 -15.04
C TRP A 243 9.36 2.09 -15.91
N ALA A 244 9.96 2.19 -17.11
CA ALA A 244 10.19 1.04 -17.97
C ALA A 244 11.60 1.14 -18.54
N THR A 245 12.30 0.00 -18.58
CA THR A 245 13.64 -0.05 -19.16
C THR A 245 13.67 -1.02 -20.34
N ILE A 246 14.72 -0.88 -21.16
CA ILE A 246 14.98 -1.82 -22.25
C ILE A 246 16.48 -1.96 -22.52
N ASP A 247 16.92 -3.18 -22.78
CA ASP A 247 18.30 -3.46 -23.18
C ASP A 247 18.42 -3.53 -24.70
N VAL A 248 19.29 -2.68 -25.25
CA VAL A 248 19.48 -2.56 -26.70
C VAL A 248 20.97 -2.51 -27.04
N LEU A 249 21.29 -2.61 -28.34
CA LEU A 249 22.67 -2.42 -28.81
C LEU A 249 23.00 -0.93 -28.92
N PRO A 250 24.17 -0.52 -28.39
CA PRO A 250 24.57 0.89 -28.31
C PRO A 250 24.58 1.63 -29.66
N GLY A 251 24.49 0.89 -30.75
CA GLY A 251 24.42 1.48 -32.09
C GLY A 251 22.99 1.72 -32.55
N ASN A 252 22.04 1.14 -31.83
CA ASN A 252 20.63 1.22 -32.21
C ASN A 252 19.87 2.29 -31.43
N ARG A 253 20.62 3.06 -30.64
CA ARG A 253 20.08 4.08 -29.73
C ARG A 253 18.93 4.92 -30.30
N ASP A 254 19.08 5.39 -31.54
CA ASP A 254 18.12 6.34 -32.11
C ASP A 254 16.86 5.71 -32.73
N LYS A 255 16.78 4.39 -32.72
CA LYS A 255 15.57 3.70 -33.17
C LYS A 255 14.47 3.69 -32.12
N TYR A 256 14.83 3.97 -30.87
CA TYR A 256 13.93 3.75 -29.74
C TYR A 256 13.23 5.00 -29.20
N GLN A 257 11.94 4.85 -28.92
CA GLN A 257 11.16 5.89 -28.25
C GLN A 257 10.32 5.30 -27.13
N CYS A 258 10.08 6.09 -26.10
CA CYS A 258 9.23 5.68 -25.00
C CYS A 258 7.83 6.28 -25.17
N ARG A 259 6.82 5.41 -25.24
CA ARG A 259 5.43 5.87 -25.30
C ARG A 259 4.80 5.79 -23.92
N VAL A 260 4.16 6.90 -23.52
CA VAL A 260 3.52 7.01 -22.21
C VAL A 260 2.04 7.35 -22.39
N GLU A 261 1.17 6.40 -22.04
CA GLU A 261 -0.29 6.61 -22.08
C GLU A 261 -0.79 6.86 -20.68
N HIS A 262 -1.60 7.91 -20.52
CA HIS A 262 -2.11 8.33 -19.22
C HIS A 262 -3.31 9.27 -19.41
N ALA A 263 -4.23 9.26 -18.44
CA ALA A 263 -5.48 10.03 -18.52
C ALA A 263 -5.30 11.55 -18.57
N SER A 264 -4.15 12.03 -18.13
CA SER A 264 -3.84 13.45 -18.24
C SER A 264 -3.32 13.82 -19.64
N LEU A 265 -3.07 12.82 -20.48
CA LEU A 265 -2.52 13.02 -21.82
C LEU A 265 -3.53 12.66 -22.92
N PRO A 266 -4.11 13.68 -23.58
CA PRO A 266 -5.07 13.46 -24.66
C PRO A 266 -4.51 12.53 -25.74
N GLN A 267 -3.21 12.65 -26.00
CA GLN A 267 -2.51 11.76 -26.92
C GLN A 267 -1.34 11.16 -26.14
N PRO A 268 -0.95 9.91 -26.47
CA PRO A 268 0.21 9.33 -25.77
C PRO A 268 1.47 10.13 -26.06
N GLY A 269 2.24 10.43 -25.02
CA GLY A 269 3.47 11.18 -25.18
C GLY A 269 4.59 10.29 -25.70
N LEU A 270 5.44 10.87 -26.54
CA LEU A 270 6.60 10.15 -27.08
C LEU A 270 7.89 10.85 -26.73
N PHE A 271 8.87 10.08 -26.27
CA PHE A 271 10.11 10.63 -25.72
C PHE A 271 11.33 9.87 -26.25
N SER A 272 12.38 10.63 -26.54
CA SER A 272 13.68 10.08 -26.95
C SER A 272 14.76 10.51 -25.95
N TRP A 273 15.88 9.79 -25.95
CA TRP A 273 16.98 10.06 -25.02
C TRP A 273 17.66 11.40 -25.30
N MET B 1 0.46 -14.88 1.92
CA MET B 1 1.51 -15.91 1.77
C MET B 1 0.87 -17.29 1.67
N GLU B 2 1.59 -18.23 1.05
CA GLU B 2 1.10 -19.59 0.92
C GLU B 2 1.19 -20.30 2.25
N PHE B 3 0.35 -21.32 2.42
CA PHE B 3 0.39 -22.21 3.57
C PHE B 3 1.79 -22.80 3.68
N GLY B 4 2.35 -22.75 4.89
CA GLY B 4 3.68 -23.29 5.16
C GLY B 4 4.83 -22.35 4.82
N GLN B 5 4.50 -21.15 4.32
CA GLN B 5 5.49 -20.11 4.12
C GLN B 5 5.60 -19.27 5.39
N ALA B 6 6.82 -19.03 5.86
CA ALA B 6 7.04 -18.35 7.13
C ALA B 6 7.05 -16.84 6.99
N LYS B 7 7.70 -16.36 5.93
CA LYS B 7 7.97 -14.93 5.76
C LYS B 7 8.20 -14.56 4.29
N ALA B 8 8.21 -13.28 4.00
CA ALA B 8 8.40 -12.78 2.64
C ALA B 8 9.38 -11.60 2.63
N ALA B 9 10.29 -11.62 1.67
CA ALA B 9 11.34 -10.62 1.57
C ALA B 9 10.81 -9.32 0.95
N PRO B 10 11.26 -8.16 1.47
CA PRO B 10 10.89 -6.86 0.89
C PRO B 10 11.39 -6.71 -0.55
N LYS B 11 10.58 -6.08 -1.38
CA LYS B 11 11.00 -5.62 -2.70
C LYS B 11 11.06 -4.12 -2.59
N VAL B 12 12.13 -3.53 -3.13
CA VAL B 12 12.48 -2.15 -2.82
C VAL B 12 12.71 -1.31 -4.08
N GLN B 13 12.14 -0.11 -4.09
CA GLN B 13 12.44 0.89 -5.11
C GLN B 13 12.87 2.19 -4.45
N VAL B 14 13.86 2.84 -5.06
CA VAL B 14 14.36 4.14 -4.61
C VAL B 14 14.28 5.11 -5.78
N TYR B 15 13.64 6.25 -5.56
CA TYR B 15 13.29 7.18 -6.64
C TYR B 15 13.04 8.56 -6.09
N SER B 16 13.22 9.58 -6.93
CA SER B 16 12.98 10.95 -6.49
C SER B 16 11.63 11.45 -7.00
N ARG B 17 11.03 12.38 -6.27
CA ARG B 17 9.75 12.97 -6.65
C ARG B 17 9.79 13.58 -8.07
N HIS B 18 10.87 14.32 -8.34
CA HIS B 18 11.10 14.95 -9.63
C HIS B 18 12.35 14.38 -10.28
N PRO B 19 12.46 14.48 -11.62
CA PRO B 19 13.75 14.17 -12.26
C PRO B 19 14.89 14.95 -11.59
N ALA B 20 16.04 14.29 -11.44
CA ALA B 20 17.14 14.87 -10.68
C ALA B 20 17.90 15.96 -11.45
N THR B 21 18.00 17.14 -10.83
CA THR B 21 18.90 18.20 -11.27
C THR B 21 19.78 18.55 -10.09
N ALA B 22 21.09 18.35 -10.23
CA ALA B 22 22.03 18.63 -9.15
C ALA B 22 21.89 20.09 -8.70
N GLY B 23 21.62 20.28 -7.40
CA GLY B 23 21.46 21.61 -6.83
C GLY B 23 20.01 22.06 -6.68
N THR B 24 19.08 21.29 -7.24
CA THR B 24 17.64 21.61 -7.14
C THR B 24 16.97 20.73 -6.08
N GLU B 25 16.19 21.38 -5.21
CA GLU B 25 15.49 20.69 -4.13
C GLU B 25 14.54 19.63 -4.69
N ASN B 26 14.50 18.49 -3.99
CA ASN B 26 13.77 17.31 -4.42
C ASN B 26 13.30 16.52 -3.19
N ILE B 27 12.65 15.39 -3.42
CA ILE B 27 12.32 14.46 -2.32
C ILE B 27 12.80 13.06 -2.70
N LEU B 28 13.45 12.40 -1.75
CA LEU B 28 13.94 11.04 -1.95
C LEU B 28 12.97 10.02 -1.33
N ASN B 29 12.57 9.07 -2.16
CA ASN B 29 11.58 8.06 -1.80
C ASN B 29 12.20 6.68 -1.74
N CYS B 30 11.83 5.94 -0.71
CA CYS B 30 12.12 4.51 -0.65
C CYS B 30 10.81 3.81 -0.37
N TYR B 31 10.32 3.08 -1.36
CA TYR B 31 9.10 2.34 -1.23
C TYR B 31 9.40 0.85 -1.09
N VAL B 32 8.88 0.26 -0.02
CA VAL B 32 9.17 -1.13 0.32
C VAL B 32 7.84 -1.88 0.38
N GLU B 33 7.76 -3.01 -0.33
CA GLU B 33 6.51 -3.77 -0.41
C GLU B 33 6.76 -5.27 -0.42
N GLY B 34 5.72 -6.04 -0.18
CA GLY B 34 5.79 -7.49 -0.29
C GLY B 34 6.46 -8.20 0.87
N PHE B 35 6.62 -7.52 2.00
CA PHE B 35 7.28 -8.15 3.16
C PHE B 35 6.33 -8.64 4.25
N HIS B 36 6.77 -9.68 4.97
CA HIS B 36 6.08 -10.21 6.15
C HIS B 36 7.13 -10.99 6.96
N PRO B 37 7.23 -10.80 8.28
CA PRO B 37 6.31 -9.97 9.10
C PRO B 37 6.54 -8.46 8.98
N PRO B 38 5.67 -7.65 9.63
CA PRO B 38 5.75 -6.20 9.45
C PRO B 38 6.99 -5.52 10.08
N LYS B 39 7.60 -6.16 11.07
CA LYS B 39 8.83 -5.64 11.67
C LYS B 39 9.89 -5.41 10.58
N ILE B 40 10.39 -4.20 10.48
CA ILE B 40 11.35 -3.85 9.43
C ILE B 40 12.10 -2.59 9.83
N ASP B 41 13.32 -2.43 9.33
CA ASP B 41 14.06 -1.20 9.49
C ASP B 41 14.41 -0.66 8.11
N ILE B 42 13.88 0.52 7.80
CA ILE B 42 14.11 1.15 6.50
C ILE B 42 14.82 2.47 6.77
N ALA B 43 16.03 2.61 6.22
CA ALA B 43 16.87 3.75 6.53
C ALA B 43 17.28 4.48 5.26
N LEU B 44 16.98 5.77 5.20
CA LEU B 44 17.49 6.62 4.13
C LEU B 44 18.83 7.24 4.55
N LEU B 45 19.86 7.00 3.73
CA LEU B 45 21.23 7.38 4.06
C LEU B 45 21.90 8.24 3.00
N LYS B 46 22.53 9.32 3.46
CA LYS B 46 23.37 10.17 2.63
C LYS B 46 24.82 9.86 2.99
N ASN B 47 25.56 9.32 2.00
CA ASN B 47 26.93 8.85 2.22
C ASN B 47 27.02 7.99 3.49
N GLY B 48 26.05 7.09 3.64
CA GLY B 48 26.00 6.15 4.77
C GLY B 48 25.44 6.72 6.07
N GLU B 49 25.12 8.01 6.07
CA GLU B 49 24.60 8.67 7.27
C GLU B 49 23.09 8.88 7.22
N PRO B 50 22.39 8.70 8.36
CA PRO B 50 20.94 8.93 8.40
C PRO B 50 20.59 10.36 7.98
N MET B 51 19.60 10.50 7.11
CA MET B 51 19.19 11.79 6.59
C MET B 51 18.22 12.50 7.53
N LYS B 52 18.24 13.82 7.49
CA LYS B 52 17.38 14.67 8.31
C LYS B 52 15.92 14.55 7.88
N ASP B 53 15.01 14.69 8.85
CA ASP B 53 13.58 14.79 8.59
C ASP B 53 13.02 13.70 7.67
N VAL B 54 13.34 12.45 7.98
CA VAL B 54 12.78 11.32 7.26
C VAL B 54 11.37 11.09 7.79
N LYS B 55 10.41 10.91 6.90
CA LYS B 55 9.07 10.57 7.35
C LYS B 55 8.64 9.17 6.88
N TYR B 56 7.77 8.56 7.66
CA TYR B 56 7.35 7.17 7.45
C TYR B 56 5.84 7.15 7.34
N ASN B 57 5.33 6.83 6.16
CA ASN B 57 3.89 6.74 6.00
C ASN B 57 3.27 5.51 6.65
N ASP B 58 1.96 5.55 6.88
CA ASP B 58 1.23 4.42 7.45
C ASP B 58 1.35 3.21 6.52
N MET B 59 1.34 2.02 7.10
CA MET B 59 1.45 0.81 6.30
C MET B 59 0.12 0.32 5.76
N SER B 60 0.16 -0.21 4.55
CA SER B 60 -0.98 -0.86 3.95
C SER B 60 -0.58 -2.32 3.76
N PHE B 61 -1.50 -3.15 3.28
CA PHE B 61 -1.15 -4.49 2.84
C PHE B 61 -2.05 -5.03 1.74
N GLY B 62 -1.51 -5.98 0.98
CA GLY B 62 -2.20 -6.54 -0.17
C GLY B 62 -3.04 -7.74 0.19
N ASP B 63 -3.63 -8.34 -0.84
CA ASP B 63 -4.47 -9.52 -0.69
C ASP B 63 -3.67 -10.70 -0.14
N ASP B 64 -2.36 -10.72 -0.38
CA ASP B 64 -1.50 -11.79 0.12
C ASP B 64 -0.96 -11.51 1.54
N TRP B 65 -1.46 -10.44 2.15
CA TRP B 65 -1.17 -10.04 3.54
C TRP B 65 0.17 -9.33 3.72
N THR B 66 0.94 -9.22 2.65
CA THR B 66 2.26 -8.62 2.74
C THR B 66 2.13 -7.11 2.82
N PHE B 67 3.06 -6.50 3.56
CA PHE B 67 3.01 -5.09 3.91
C PHE B 67 3.71 -4.19 2.89
N GLN B 68 3.33 -2.92 2.90
CA GLN B 68 4.01 -1.92 2.10
C GLN B 68 4.10 -0.61 2.86
N ARG B 69 5.21 0.09 2.65
CA ARG B 69 5.43 1.37 3.33
C ARG B 69 6.25 2.28 2.44
N LEU B 70 5.85 3.56 2.40
CA LEU B 70 6.67 4.61 1.78
C LEU B 70 7.47 5.33 2.84
N VAL B 71 8.76 5.51 2.57
CA VAL B 71 9.65 6.30 3.43
C VAL B 71 10.32 7.37 2.57
N TYR B 72 10.31 8.61 3.05
CA TYR B 72 10.74 9.73 2.22
C TYR B 72 11.37 10.86 3.03
N ALA B 73 12.21 11.66 2.36
CA ALA B 73 12.84 12.81 2.99
C ALA B 73 13.16 13.86 1.93
N PRO B 74 13.03 15.16 2.29
CA PRO B 74 13.46 16.21 1.40
C PRO B 74 14.96 16.14 1.24
N PHE B 75 15.46 16.47 0.04
CA PHE B 75 16.90 16.44 -0.22
C PHE B 75 17.27 17.29 -1.44
N THR B 76 18.53 17.68 -1.51
CA THR B 76 19.07 18.41 -2.64
C THR B 76 20.26 17.63 -3.18
N PRO B 77 20.02 16.82 -4.24
CA PRO B 77 21.03 15.92 -4.81
C PRO B 77 22.17 16.68 -5.47
N THR B 78 23.37 16.09 -5.42
CA THR B 78 24.54 16.63 -6.10
C THR B 78 25.16 15.55 -6.98
N LYS B 79 26.25 15.90 -7.66
CA LYS B 79 26.97 14.95 -8.50
C LYS B 79 27.81 13.96 -7.69
N SER B 80 28.10 14.30 -6.43
CA SER B 80 29.04 13.52 -5.64
C SER B 80 28.46 12.74 -4.45
N ASP B 81 27.32 13.18 -3.92
CA ASP B 81 26.72 12.52 -2.74
C ASP B 81 26.04 11.19 -3.09
N VAL B 82 26.20 10.19 -2.23
CA VAL B 82 25.64 8.87 -2.47
C VAL B 82 24.43 8.58 -1.59
N TYR B 83 23.29 8.41 -2.24
CA TYR B 83 22.04 8.21 -1.54
C TYR B 83 21.58 6.76 -1.65
N THR B 84 21.28 6.17 -0.49
CA THR B 84 20.84 4.79 -0.41
C THR B 84 19.67 4.62 0.53
N CYS B 85 18.95 3.52 0.33
CA CYS B 85 17.94 3.06 1.25
C CYS B 85 18.40 1.70 1.78
N ARG B 86 18.71 1.64 3.07
CA ARG B 86 19.17 0.41 3.69
C ARG B 86 18.01 -0.25 4.44
N VAL B 87 17.73 -1.51 4.11
CA VAL B 87 16.56 -2.22 4.62
C VAL B 87 16.95 -3.53 5.33
N ASP B 88 16.66 -3.60 6.62
CA ASP B 88 16.93 -4.79 7.41
C ASP B 88 15.60 -5.47 7.73
N HIS B 89 15.50 -6.74 7.37
CA HIS B 89 14.28 -7.54 7.59
C HIS B 89 14.72 -9.00 7.76
N GLU B 90 13.97 -9.75 8.57
CA GLU B 90 14.33 -11.15 8.90
C GLU B 90 14.30 -12.10 7.69
N ALA B 91 13.72 -11.65 6.59
CA ALA B 91 13.72 -12.43 5.34
C ALA B 91 14.95 -12.12 4.47
N PHE B 92 15.77 -11.17 4.91
CA PHE B 92 17.12 -10.97 4.38
C PHE B 92 18.10 -11.57 5.39
N THR B 93 19.18 -12.19 4.91
CA THR B 93 20.22 -12.70 5.82
C THR B 93 21.02 -11.57 6.44
N GLU B 94 21.15 -10.46 5.72
CA GLU B 94 21.84 -9.28 6.20
C GLU B 94 21.17 -8.04 5.59
N PRO B 95 21.31 -6.87 6.25
CA PRO B 95 20.66 -5.69 5.68
C PRO B 95 21.11 -5.45 4.25
N GLN B 96 20.17 -5.06 3.40
CA GLN B 96 20.41 -4.81 1.99
C GLN B 96 20.36 -3.31 1.71
N SER B 97 21.34 -2.83 0.95
CA SER B 97 21.36 -1.42 0.56
C SER B 97 20.94 -1.28 -0.91
N PHE B 98 20.08 -0.30 -1.17
CA PHE B 98 19.60 -0.03 -2.53
C PHE B 98 19.99 1.40 -2.91
N ARG B 99 20.79 1.52 -3.97
CA ARG B 99 21.39 2.80 -4.33
C ARG B 99 20.47 3.60 -5.24
N TRP B 100 20.25 4.87 -4.90
CA TRP B 100 19.52 5.76 -5.81
C TRP B 100 20.37 6.08 -7.03
N GLU B 101 19.82 5.83 -8.21
CA GLU B 101 20.50 6.12 -9.46
C GLU B 101 20.00 7.45 -10.02
N PRO B 102 20.84 8.51 -9.91
CA PRO B 102 20.43 9.89 -10.18
C PRO B 102 19.89 10.11 -11.60
N ASP B 103 20.60 9.59 -12.59
CA ASP B 103 20.26 9.80 -14.01
C ASP B 103 19.96 11.27 -14.36
N PHE B 104 20.86 12.15 -13.92
CA PHE B 104 20.79 13.59 -14.18
C PHE B 104 20.58 13.91 -15.66
N ARG C 1 -16.86 4.86 7.10
CA ARG C 1 -16.80 4.57 8.56
C ARG C 1 -16.65 3.06 8.88
N LEU C 2 -16.03 2.77 10.01
CA LEU C 2 -15.80 1.40 10.47
C LEU C 2 -17.10 0.69 10.80
N ILE C 3 -17.15 -0.60 10.51
CA ILE C 3 -18.27 -1.43 11.00
C ILE C 3 -18.16 -1.49 12.51
N GLN C 4 -19.30 -1.49 13.20
CA GLN C 4 -19.30 -1.62 14.66
C GLN C 4 -19.59 -3.05 15.09
N ASN C 5 -19.40 -3.30 16.39
CA ASN C 5 -19.78 -4.56 17.05
C ASN C 5 -19.09 -5.79 16.46
N SER C 6 -17.78 -5.69 16.27
CA SER C 6 -16.94 -6.81 15.83
C SER C 6 -16.91 -7.98 16.83
N ILE C 7 -16.49 -9.16 16.37
CA ILE C 7 -16.58 -10.40 17.13
C ILE C 7 -15.24 -11.14 17.13
N THR C 8 -14.88 -11.76 18.25
CA THR C 8 -13.65 -12.55 18.32
C THR C 8 -13.78 -13.85 17.52
N ILE C 9 -12.63 -14.40 17.12
CA ILE C 9 -12.57 -15.69 16.42
C ILE C 9 -12.87 -16.89 17.32
#